data_6HDV
#
_entry.id   6HDV
#
_cell.length_a   161.986
_cell.length_b   161.986
_cell.length_c   46.980
_cell.angle_alpha   90.00
_cell.angle_beta   90.00
_cell.angle_gamma   90.00
#
_symmetry.space_group_name_H-M   'P 4 21 2'
#
loop_
_entity.id
_entity.type
_entity.pdbx_description
1 polymer Afifavidin
2 water water
#
_entity_poly.entity_id   1
_entity_poly.type   'polypeptide(L)'
_entity_poly.pdbx_seq_one_letter_code
;MAQDMSPRQSAEAFGVPAVSSSWVNQDGSTMTLVFGAGNSVSGFYVNNAPGFGCQGTPYPLVGLTWGNFIGFTVAWDNAT
ANCNSVTSWTGFAEAAGSDVTIVTDWNLAYQGSSSGEIQQGSDTFTLVNKAMKETPKM
;
_entity_poly.pdbx_strand_id   A,B,C,D
#
# COMPACT_ATOMS: atom_id res chain seq x y z
N GLN A 3 -27.07 20.68 1.03
CA GLN A 3 -26.04 21.60 1.63
C GLN A 3 -25.04 20.77 2.47
N ASP A 4 -24.90 21.08 3.78
CA ASP A 4 -24.19 20.25 4.78
C ASP A 4 -24.94 18.91 4.91
N MET A 5 -24.16 17.85 5.17
CA MET A 5 -24.71 16.50 5.34
C MET A 5 -25.09 16.20 6.82
N SER A 6 -26.33 15.74 7.02
CA SER A 6 -26.84 15.32 8.32
C SER A 6 -26.25 13.95 8.65
N PRO A 7 -26.23 13.55 9.94
CA PRO A 7 -25.85 12.19 10.31
C PRO A 7 -26.49 11.05 9.49
N ARG A 8 -27.84 11.02 9.40
CA ARG A 8 -28.67 10.00 8.64
C ARG A 8 -28.23 10.02 7.16
N GLN A 9 -28.11 11.22 6.59
CA GLN A 9 -27.78 11.41 5.16
C GLN A 9 -26.39 10.82 4.86
N SER A 10 -25.45 11.08 5.78
CA SER A 10 -24.06 10.75 5.68
C SER A 10 -23.94 9.23 5.72
N ALA A 11 -24.74 8.62 6.60
CA ALA A 11 -24.83 7.16 6.72
C ALA A 11 -25.42 6.54 5.45
N GLU A 12 -26.58 7.05 5.02
CA GLU A 12 -27.27 6.56 3.81
C GLU A 12 -26.33 6.65 2.60
N ALA A 13 -25.50 7.69 2.54
CA ALA A 13 -24.59 7.94 1.42
C ALA A 13 -23.47 6.90 1.42
N PHE A 14 -23.09 6.52 2.65
CA PHE A 14 -22.07 5.53 2.87
C PHE A 14 -22.60 4.13 2.54
N GLY A 15 -23.92 3.93 2.63
CA GLY A 15 -24.64 2.70 2.21
C GLY A 15 -25.21 1.90 3.37
N VAL A 16 -25.43 2.55 4.52
CA VAL A 16 -25.96 1.88 5.69
C VAL A 16 -27.22 2.60 6.14
N PRO A 17 -28.30 1.88 6.51
CA PRO A 17 -29.55 2.51 6.91
C PRO A 17 -29.63 3.16 8.31
N ALA A 18 -28.71 2.89 9.23
CA ALA A 18 -28.72 3.55 10.55
C ALA A 18 -27.42 4.36 10.76
N VAL A 19 -27.50 5.35 11.65
CA VAL A 19 -26.42 6.26 11.98
C VAL A 19 -25.27 5.54 12.74
N SER A 20 -25.64 4.58 13.60
CA SER A 20 -24.76 3.64 14.33
C SER A 20 -24.76 2.29 13.58
N SER A 21 -23.61 1.67 13.37
CA SER A 21 -23.50 0.44 12.58
C SER A 21 -22.34 -0.41 13.10
N SER A 22 -22.55 -1.72 13.10
CA SER A 22 -21.65 -2.71 13.62
C SER A 22 -20.97 -3.45 12.45
N TRP A 23 -19.66 -3.73 12.61
CA TRP A 23 -18.83 -4.30 11.54
C TRP A 23 -17.84 -5.30 12.11
N VAL A 24 -17.43 -6.24 11.24
CA VAL A 24 -16.43 -7.25 11.50
C VAL A 24 -15.59 -7.47 10.22
N ASN A 25 -14.29 -7.65 10.41
CA ASN A 25 -13.35 -7.86 9.34
C ASN A 25 -12.95 -9.35 9.29
N GLN A 26 -11.99 -9.65 8.41
CA GLN A 26 -11.63 -10.99 8.08
C GLN A 26 -11.03 -11.65 9.32
N ASP A 27 -10.43 -10.89 10.23
CA ASP A 27 -9.69 -11.43 11.37
C ASP A 27 -10.63 -11.57 12.60
N GLY A 28 -11.90 -11.20 12.43
CA GLY A 28 -12.84 -11.13 13.53
C GLY A 28 -12.74 -9.86 14.33
N SER A 29 -11.87 -8.89 13.96
CA SER A 29 -11.86 -7.59 14.62
C SER A 29 -13.21 -6.94 14.39
N THR A 30 -13.65 -6.12 15.34
CA THR A 30 -15.01 -5.52 15.30
C THR A 30 -14.91 -4.04 15.53
N MET A 31 -15.89 -3.30 15.06
CA MET A 31 -15.92 -1.91 15.35
C MET A 31 -17.35 -1.44 15.20
N THR A 32 -17.61 -0.31 15.82
CA THR A 32 -18.81 0.40 15.65
C THR A 32 -18.49 1.72 14.95
N LEU A 33 -19.35 2.17 14.03
CA LEU A 33 -19.15 3.42 13.31
C LEU A 33 -20.34 4.32 13.58
N VAL A 34 -20.08 5.55 14.06
CA VAL A 34 -21.15 6.49 14.31
C VAL A 34 -20.92 7.73 13.45
N PHE A 35 -21.81 7.94 12.47
CA PHE A 35 -21.86 9.15 11.59
C PHE A 35 -22.52 10.33 12.32
N GLY A 36 -21.85 11.49 12.25
CA GLY A 36 -22.34 12.73 12.82
C GLY A 36 -22.27 13.87 11.84
N ALA A 37 -22.38 15.09 12.40
CA ALA A 37 -22.34 16.32 11.61
C ALA A 37 -20.94 16.54 11.01
N GLY A 38 -20.90 17.32 9.93
CA GLY A 38 -19.66 17.87 9.38
C GLY A 38 -18.74 16.79 8.85
N ASN A 39 -19.34 15.76 8.25
CA ASN A 39 -18.56 14.67 7.64
C ASN A 39 -17.93 13.76 8.71
N SER A 40 -18.30 13.92 9.98
CA SER A 40 -17.54 13.38 11.12
C SER A 40 -17.90 11.91 11.25
N VAL A 41 -16.96 11.13 11.81
CA VAL A 41 -17.15 9.72 12.10
C VAL A 41 -16.47 9.43 13.44
N SER A 42 -17.19 8.74 14.35
CA SER A 42 -16.59 8.32 15.63
C SER A 42 -17.05 6.91 15.97
N GLY A 43 -16.36 6.29 16.91
CA GLY A 43 -16.80 5.02 17.50
C GLY A 43 -15.69 4.31 18.25
N PHE A 44 -15.74 2.96 18.22
CA PHE A 44 -14.86 2.13 19.01
C PHE A 44 -14.37 1.01 18.08
N TYR A 45 -13.16 0.53 18.32
CA TYR A 45 -12.59 -0.55 17.57
C TYR A 45 -12.06 -1.66 18.51
N VAL A 46 -12.39 -2.92 18.23
CA VAL A 46 -11.92 -4.05 19.02
C VAL A 46 -11.05 -4.93 18.15
N ASN A 47 -9.77 -5.07 18.53
CA ASN A 47 -8.78 -5.66 17.60
C ASN A 47 -8.65 -7.15 17.93
N ASN A 48 -8.98 -8.07 16.99
CA ASN A 48 -8.77 -9.51 17.26
C ASN A 48 -7.77 -10.12 16.28
N ALA A 49 -6.81 -9.32 15.83
CA ALA A 49 -5.90 -9.71 14.80
C ALA A 49 -4.76 -10.55 15.39
N PRO A 50 -4.44 -11.72 14.80
CA PRO A 50 -3.43 -12.58 15.39
C PRO A 50 -2.09 -11.83 15.44
N GLY A 51 -1.41 -11.91 16.59
CA GLY A 51 -0.04 -11.35 16.70
C GLY A 51 -0.02 -9.89 17.19
N PHE A 52 -1.20 -9.27 17.27
CA PHE A 52 -1.33 -7.89 17.71
C PHE A 52 -1.47 -7.85 19.24
N GLY A 53 -0.75 -6.91 19.87
CA GLY A 53 -0.61 -6.75 21.33
C GLY A 53 -1.78 -6.09 22.09
N CYS A 54 -2.72 -5.42 21.41
CA CYS A 54 -3.71 -4.63 22.12
C CYS A 54 -5.07 -5.20 21.71
N GLN A 55 -5.22 -6.50 21.91
CA GLN A 55 -6.39 -7.28 21.49
C GLN A 55 -7.45 -7.34 22.60
N GLY A 56 -8.73 -7.45 22.20
CA GLY A 56 -9.87 -7.80 23.03
C GLY A 56 -10.55 -6.66 23.78
N THR A 57 -10.05 -5.43 23.67
CA THR A 57 -10.68 -4.30 24.36
C THR A 57 -10.94 -3.16 23.38
N PRO A 58 -11.96 -2.33 23.66
CA PRO A 58 -12.35 -1.26 22.76
C PRO A 58 -11.44 -0.04 22.89
N TYR A 59 -11.03 0.48 21.72
CA TYR A 59 -10.28 1.72 21.57
C TYR A 59 -11.05 2.69 20.69
N PRO A 60 -11.07 3.98 21.04
CA PRO A 60 -11.86 4.96 20.28
C PRO A 60 -11.33 5.12 18.85
N LEU A 61 -12.22 5.35 17.89
CA LEU A 61 -11.80 5.85 16.59
C LEU A 61 -12.50 7.17 16.28
N VAL A 62 -11.86 7.98 15.40
CA VAL A 62 -12.42 9.20 14.78
C VAL A 62 -11.96 9.23 13.33
N GLY A 63 -12.81 9.73 12.43
CA GLY A 63 -12.40 10.04 11.10
C GLY A 63 -13.43 10.88 10.38
N LEU A 64 -13.39 10.83 9.06
CA LEU A 64 -14.30 11.59 8.24
C LEU A 64 -14.68 10.73 7.05
N THR A 65 -15.76 11.15 6.41
CA THR A 65 -16.37 10.44 5.34
C THR A 65 -16.89 11.48 4.37
N TRP A 66 -16.94 11.09 3.10
CA TRP A 66 -17.76 11.68 2.10
C TRP A 66 -18.22 10.58 1.14
N GLY A 67 -19.51 10.55 0.88
CA GLY A 67 -20.06 9.56 -0.03
C GLY A 67 -19.79 8.16 0.50
N ASN A 68 -19.23 7.30 -0.34
CA ASN A 68 -18.95 5.94 0.10
C ASN A 68 -17.48 5.83 0.53
N PHE A 69 -16.82 6.97 0.74
CA PHE A 69 -15.43 7.00 1.16
C PHE A 69 -15.28 7.36 2.65
N ILE A 70 -14.25 6.79 3.27
CA ILE A 70 -14.05 6.93 4.67
C ILE A 70 -12.57 6.75 5.00
N GLY A 71 -12.16 7.43 6.06
CA GLY A 71 -10.86 7.31 6.72
C GLY A 71 -11.07 7.42 8.22
N PHE A 72 -10.33 6.63 9.01
CA PHE A 72 -10.42 6.76 10.48
C PHE A 72 -9.14 6.33 11.19
N THR A 73 -8.85 6.93 12.34
CA THR A 73 -7.75 6.43 13.04
C THR A 73 -8.12 5.96 14.45
N VAL A 74 -7.30 4.98 14.89
CA VAL A 74 -7.28 4.48 16.23
C VAL A 74 -5.90 4.65 16.85
N ALA A 75 -5.85 5.37 17.97
CA ALA A 75 -4.68 5.37 18.84
C ALA A 75 -4.78 4.18 19.78
N TRP A 76 -3.69 3.41 19.97
CA TRP A 76 -3.72 2.13 20.73
C TRP A 76 -3.40 2.44 22.19
N ASP A 77 -4.23 3.32 22.75
CA ASP A 77 -4.21 3.74 24.12
C ASP A 77 -5.65 3.68 24.68
N ASN A 78 -5.83 2.92 25.76
CA ASN A 78 -7.04 2.97 26.62
C ASN A 78 -6.67 2.51 28.03
N ALA A 79 -7.68 2.33 28.88
CA ALA A 79 -7.41 2.10 30.28
C ALA A 79 -6.92 0.67 30.54
N THR A 80 -7.07 -0.26 29.59
CA THR A 80 -6.56 -1.62 29.74
C THR A 80 -5.13 -1.79 29.28
N ALA A 81 -4.77 -1.25 28.09
CA ALA A 81 -3.41 -1.50 27.53
C ALA A 81 -3.07 -0.45 26.50
N ASN A 82 -1.79 -0.09 26.49
CA ASN A 82 -1.22 0.87 25.57
C ASN A 82 -0.17 0.16 24.70
N CYS A 83 -0.25 0.27 23.36
CA CYS A 83 0.73 -0.36 22.41
C CYS A 83 1.56 0.68 21.63
N ASN A 84 1.50 1.92 22.12
CA ASN A 84 2.46 2.96 21.72
C ASN A 84 2.55 3.01 20.19
N SER A 85 1.39 3.20 19.57
CA SER A 85 1.30 3.09 18.16
C SER A 85 -0.07 3.60 17.75
N VAL A 86 -0.27 3.96 16.46
CA VAL A 86 -1.60 4.31 15.91
C VAL A 86 -1.71 3.76 14.48
N THR A 87 -2.96 3.51 14.10
CA THR A 87 -3.33 2.96 12.84
C THR A 87 -4.42 3.85 12.21
N SER A 88 -4.36 4.01 10.88
CA SER A 88 -5.43 4.65 10.17
C SER A 88 -5.82 3.74 9.02
N TRP A 89 -7.12 3.68 8.77
CA TRP A 89 -7.75 2.94 7.70
C TRP A 89 -8.33 3.97 6.72
N THR A 90 -8.22 3.68 5.42
CA THR A 90 -8.90 4.46 4.41
C THR A 90 -9.50 3.53 3.37
N GLY A 91 -10.70 3.85 2.88
CA GLY A 91 -11.32 2.84 2.03
C GLY A 91 -12.67 3.26 1.56
N PHE A 92 -13.43 2.32 0.99
CA PHE A 92 -14.70 2.64 0.37
C PHE A 92 -15.69 1.52 0.62
N ALA A 93 -16.96 1.91 0.63
CA ALA A 93 -17.97 1.02 0.90
C ALA A 93 -18.55 0.55 -0.42
N GLU A 94 -19.01 -0.69 -0.37
CA GLU A 94 -19.56 -1.38 -1.47
C GLU A 94 -20.81 -2.05 -0.98
N ALA A 95 -21.92 -1.56 -1.51
CA ALA A 95 -23.22 -1.81 -1.00
C ALA A 95 -24.08 -2.52 -2.06
N ALA A 96 -24.58 -3.73 -1.73
CA ALA A 96 -25.73 -4.41 -2.40
C ALA A 96 -26.79 -4.83 -1.35
N GLY A 97 -27.73 -3.90 -1.07
CA GLY A 97 -28.82 -4.10 -0.11
C GLY A 97 -28.32 -3.99 1.32
N SER A 98 -28.50 -5.05 2.10
CA SER A 98 -27.92 -5.15 3.44
C SER A 98 -26.62 -5.97 3.43
N ASP A 99 -26.12 -6.41 2.25
CA ASP A 99 -24.79 -7.07 2.12
C ASP A 99 -23.77 -5.95 1.80
N VAL A 100 -23.28 -5.25 2.83
CA VAL A 100 -22.43 -4.06 2.69
C VAL A 100 -21.04 -4.36 3.27
N THR A 101 -19.99 -4.00 2.50
CA THR A 101 -18.57 -4.23 2.83
C THR A 101 -17.82 -2.89 2.77
N ILE A 102 -16.73 -2.76 3.52
CA ILE A 102 -15.82 -1.68 3.38
C ILE A 102 -14.47 -2.29 3.01
N VAL A 103 -13.97 -1.97 1.82
CA VAL A 103 -12.66 -2.36 1.43
C VAL A 103 -11.73 -1.28 1.95
N THR A 104 -10.75 -1.65 2.79
CA THR A 104 -9.77 -0.67 3.31
C THR A 104 -8.34 -1.19 3.26
N ASP A 105 -7.43 -0.23 3.39
CA ASP A 105 -6.02 -0.41 3.56
C ASP A 105 -5.63 0.38 4.80
N TRP A 106 -4.57 -0.03 5.49
CA TRP A 106 -4.28 0.65 6.71
C TRP A 106 -2.79 0.76 6.89
N ASN A 107 -2.40 1.72 7.71
CA ASN A 107 -1.07 1.92 8.09
C ASN A 107 -0.98 1.96 9.61
N LEU A 108 0.01 1.24 10.15
CA LEU A 108 0.30 1.16 11.56
C LEU A 108 1.66 1.78 11.83
N ALA A 109 1.68 2.88 12.55
CA ALA A 109 2.93 3.52 12.89
C ALA A 109 3.27 3.11 14.31
N TYR A 110 4.53 2.72 14.52
CA TYR A 110 4.98 2.15 15.81
C TYR A 110 6.51 2.30 15.92
N GLN A 111 7.07 1.98 17.10
CA GLN A 111 8.48 2.03 17.38
C GLN A 111 9.15 0.71 16.98
N GLY A 112 10.08 0.80 16.02
CA GLY A 112 10.93 -0.28 15.70
C GLY A 112 12.13 -0.27 16.61
N SER A 113 13.05 -1.18 16.27
CA SER A 113 14.24 -1.46 17.00
C SER A 113 15.20 -0.26 16.90
N SER A 114 15.24 0.43 15.75
CA SER A 114 16.16 1.61 15.64
C SER A 114 15.43 2.94 15.35
N SER A 115 14.19 2.92 14.86
CA SER A 115 13.43 4.17 14.61
C SER A 115 11.94 3.88 14.43
N GLY A 116 11.18 4.94 14.22
CA GLY A 116 9.81 4.78 13.79
C GLY A 116 9.74 3.90 12.57
N GLU A 117 8.66 3.14 12.45
CA GLU A 117 8.36 2.34 11.32
C GLU A 117 6.84 2.35 11.06
N ILE A 118 6.44 1.97 9.84
CA ILE A 118 5.01 1.95 9.42
C ILE A 118 4.72 0.62 8.76
N GLN A 119 3.83 -0.17 9.36
CA GLN A 119 3.39 -1.40 8.77
C GLN A 119 2.10 -1.14 8.00
N GLN A 120 1.98 -1.74 6.79
CA GLN A 120 0.80 -1.61 5.94
C GLN A 120 0.03 -2.92 5.97
N GLY A 121 -1.28 -2.85 5.72
CA GLY A 121 -2.10 -4.03 5.61
C GLY A 121 -3.42 -3.69 4.93
N SER A 122 -4.25 -4.70 4.68
CA SER A 122 -5.64 -4.53 4.20
C SER A 122 -6.63 -5.26 5.13
N ASP A 123 -7.69 -4.53 5.57
CA ASP A 123 -8.89 -5.20 6.18
C ASP A 123 -10.10 -5.01 5.26
N THR A 124 -10.93 -6.04 5.19
CA THR A 124 -12.27 -6.00 4.62
C THR A 124 -13.31 -6.14 5.74
N PHE A 125 -14.11 -5.09 5.92
CA PHE A 125 -15.15 -5.07 6.90
C PHE A 125 -16.48 -5.44 6.29
N THR A 126 -17.30 -6.16 7.04
CA THR A 126 -18.60 -6.48 6.57
C THR A 126 -19.58 -6.06 7.67
N LEU A 127 -20.70 -5.52 7.22
CA LEU A 127 -21.69 -4.97 8.08
C LEU A 127 -22.42 -6.09 8.83
N VAL A 128 -22.66 -5.88 10.12
CA VAL A 128 -23.39 -6.85 10.95
C VAL A 128 -24.74 -6.23 11.30
N ASN A 129 -25.81 -6.95 10.98
CA ASN A 129 -27.14 -6.50 11.28
C ASN A 129 -27.39 -6.73 12.76
N LYS A 130 -27.80 -5.65 13.45
CA LYS A 130 -28.08 -5.64 14.87
C LYS A 130 -29.03 -6.80 15.22
N ALA A 131 -28.55 -7.76 16.04
CA ALA A 131 -29.30 -8.93 16.51
C ALA A 131 -30.23 -8.52 17.66
N MET A 132 -31.52 -8.80 17.45
CA MET A 132 -32.64 -8.38 18.25
C MET A 132 -33.16 -9.63 18.98
N LYS A 133 -32.49 -10.03 20.06
CA LYS A 133 -32.58 -11.39 20.65
C LYS A 133 -33.74 -11.57 21.67
N GLU A 134 -34.36 -10.49 22.15
CA GLU A 134 -35.59 -10.47 23.07
C GLU A 134 -35.46 -11.17 24.47
N THR A 135 -34.33 -11.83 24.80
CA THR A 135 -33.95 -12.20 26.17
C THR A 135 -32.45 -12.29 26.24
N PRO A 136 -31.81 -12.13 27.41
CA PRO A 136 -30.38 -12.43 27.54
C PRO A 136 -30.13 -13.94 27.68
N LYS A 137 -31.20 -14.76 27.69
CA LYS A 137 -31.19 -16.22 27.96
C LYS A 137 -30.82 -17.05 26.72
N MET A 138 -30.30 -18.26 26.94
CA MET A 138 -29.94 -19.16 25.85
C MET A 138 -30.46 -20.55 26.15
N GLN B 3 31.79 -6.39 -15.51
CA GLN B 3 30.79 -6.35 -16.65
C GLN B 3 29.38 -6.66 -16.06
N ASP B 4 28.98 -7.95 -16.11
CA ASP B 4 27.59 -8.42 -16.02
C ASP B 4 27.63 -9.61 -15.02
N MET B 5 26.52 -9.91 -14.33
CA MET B 5 26.58 -10.89 -13.23
C MET B 5 26.27 -12.30 -13.76
N SER B 6 27.16 -13.26 -13.44
CA SER B 6 26.88 -14.68 -13.57
C SER B 6 25.94 -15.11 -12.45
N PRO B 7 25.24 -16.23 -12.64
CA PRO B 7 24.43 -16.82 -11.58
C PRO B 7 25.13 -16.87 -10.22
N ARG B 8 26.30 -17.51 -10.11
CA ARG B 8 26.93 -17.67 -8.79
C ARG B 8 27.17 -16.23 -8.28
N GLN B 9 27.61 -15.34 -9.15
CA GLN B 9 27.97 -14.01 -8.71
C GLN B 9 26.76 -13.29 -8.14
N SER B 10 25.63 -13.45 -8.85
CA SER B 10 24.36 -12.78 -8.54
C SER B 10 23.82 -13.30 -7.20
N ALA B 11 23.89 -14.62 -7.04
CA ALA B 11 23.53 -15.27 -5.81
C ALA B 11 24.40 -14.72 -4.67
N GLU B 12 25.72 -14.74 -4.86
CA GLU B 12 26.65 -14.24 -3.82
C GLU B 12 26.28 -12.80 -3.42
N ALA B 13 26.01 -11.93 -4.40
CA ALA B 13 25.75 -10.51 -4.18
C ALA B 13 24.44 -10.31 -3.39
N PHE B 14 23.52 -11.27 -3.54
CA PHE B 14 22.27 -11.21 -2.88
C PHE B 14 22.48 -11.66 -1.44
N GLY B 15 23.46 -12.54 -1.22
CA GLY B 15 23.82 -12.93 0.14
C GLY B 15 23.73 -14.43 0.39
N VAL B 16 23.75 -15.23 -0.69
CA VAL B 16 23.48 -16.66 -0.58
C VAL B 16 24.58 -17.44 -1.31
N PRO B 17 25.13 -18.52 -0.73
CA PRO B 17 26.32 -19.17 -1.29
C PRO B 17 26.14 -19.98 -2.58
N ALA B 18 24.88 -20.31 -2.93
CA ALA B 18 24.51 -21.23 -4.01
C ALA B 18 23.36 -20.67 -4.88
N VAL B 19 23.45 -20.97 -6.18
CA VAL B 19 22.55 -20.58 -7.21
C VAL B 19 21.10 -21.00 -6.92
N SER B 20 20.87 -22.13 -6.26
CA SER B 20 19.52 -22.51 -5.83
C SER B 20 19.44 -22.33 -4.31
N SER B 21 18.26 -21.94 -3.79
CA SER B 21 18.08 -21.75 -2.33
C SER B 21 16.62 -21.92 -1.98
N SER B 22 16.42 -22.53 -0.81
CA SER B 22 15.15 -22.79 -0.29
C SER B 22 14.88 -21.78 0.83
N TRP B 23 13.61 -21.40 1.01
CA TRP B 23 13.21 -20.35 1.95
C TRP B 23 11.86 -20.64 2.56
N VAL B 24 11.65 -20.09 3.74
CA VAL B 24 10.34 -20.24 4.41
C VAL B 24 9.98 -18.89 5.05
N ASN B 25 8.71 -18.50 4.96
CA ASN B 25 8.30 -17.28 5.62
C ASN B 25 7.58 -17.57 6.92
N GLN B 26 7.18 -16.46 7.56
CA GLN B 26 6.55 -16.44 8.88
C GLN B 26 5.29 -17.32 8.88
N ASP B 27 4.62 -17.48 7.75
CA ASP B 27 3.39 -18.30 7.65
C ASP B 27 3.70 -19.80 7.39
N GLY B 28 4.97 -20.18 7.24
CA GLY B 28 5.28 -21.51 6.70
C GLY B 28 5.19 -21.58 5.16
N SER B 29 4.85 -20.49 4.49
CA SER B 29 4.96 -20.45 3.05
C SER B 29 6.42 -20.78 2.67
N THR B 30 6.61 -21.46 1.54
CA THR B 30 8.00 -21.87 1.12
C THR B 30 8.26 -21.46 -0.32
N MET B 31 9.52 -21.23 -0.64
CA MET B 31 9.82 -21.05 -2.02
C MET B 31 11.27 -21.46 -2.29
N THR B 32 11.53 -21.74 -3.56
CA THR B 32 12.87 -21.96 -4.07
C THR B 32 13.22 -20.80 -5.01
N LEU B 33 14.45 -20.29 -4.89
CA LEU B 33 14.94 -19.19 -5.72
C LEU B 33 16.15 -19.66 -6.52
N VAL B 34 16.12 -19.43 -7.85
CA VAL B 34 17.22 -19.81 -8.70
C VAL B 34 17.65 -18.58 -9.47
N PHE B 35 18.88 -18.13 -9.19
CA PHE B 35 19.54 -17.04 -9.92
C PHE B 35 20.07 -17.54 -11.26
N GLY B 36 19.78 -16.77 -12.31
CA GLY B 36 20.36 -16.97 -13.63
C GLY B 36 21.11 -15.74 -14.14
N ALA B 37 21.34 -15.71 -15.46
CA ALA B 37 22.08 -14.65 -16.13
C ALA B 37 21.18 -13.41 -16.32
N GLY B 38 21.78 -12.28 -16.70
CA GLY B 38 21.06 -10.99 -16.94
C GLY B 38 20.09 -10.59 -15.81
N ASN B 39 20.50 -10.85 -14.56
CA ASN B 39 19.76 -10.42 -13.35
C ASN B 39 18.46 -11.21 -13.16
N SER B 40 18.31 -12.35 -13.84
CA SER B 40 17.07 -13.09 -13.81
C SER B 40 16.96 -13.82 -12.49
N VAL B 41 15.72 -14.19 -12.17
CA VAL B 41 15.36 -14.95 -11.00
C VAL B 41 14.17 -15.80 -11.40
N SER B 42 14.23 -17.09 -11.04
CA SER B 42 13.13 -17.99 -11.24
C SER B 42 13.05 -18.95 -10.06
N GLY B 43 11.93 -19.65 -9.97
CA GLY B 43 11.67 -20.67 -8.98
C GLY B 43 10.18 -21.00 -8.82
N PHE B 44 9.84 -21.49 -7.64
CA PHE B 44 8.53 -22.06 -7.37
C PHE B 44 8.13 -21.55 -5.97
N TYR B 45 6.83 -21.31 -5.78
CA TYR B 45 6.31 -20.84 -4.52
C TYR B 45 5.17 -21.75 -4.07
N VAL B 46 5.18 -22.11 -2.78
CA VAL B 46 4.10 -22.87 -2.18
C VAL B 46 3.55 -21.97 -1.08
N ASN B 47 2.29 -21.59 -1.20
CA ASN B 47 1.68 -20.62 -0.29
C ASN B 47 0.95 -21.36 0.85
N ASN B 48 1.29 -21.07 2.11
CA ASN B 48 0.53 -21.72 3.22
C ASN B 48 -0.09 -20.67 4.15
N ALA B 49 -0.40 -19.51 3.56
CA ALA B 49 -0.87 -18.40 4.30
C ALA B 49 -2.31 -18.63 4.68
N PRO B 50 -2.63 -18.39 5.96
CA PRO B 50 -4.00 -18.61 6.44
C PRO B 50 -4.98 -17.76 5.62
N GLY B 51 -6.06 -18.42 5.16
CA GLY B 51 -7.16 -17.79 4.44
C GLY B 51 -6.93 -17.68 2.94
N PHE B 52 -5.80 -18.21 2.45
CA PHE B 52 -5.46 -18.00 1.05
C PHE B 52 -5.92 -19.22 0.24
N GLY B 53 -6.52 -18.97 -0.91
CA GLY B 53 -7.32 -19.97 -1.61
C GLY B 53 -6.54 -20.97 -2.45
N CYS B 54 -5.25 -20.75 -2.71
CA CYS B 54 -4.45 -21.63 -3.60
C CYS B 54 -3.22 -22.09 -2.80
N GLN B 55 -3.48 -22.87 -1.75
CA GLN B 55 -2.51 -23.27 -0.76
C GLN B 55 -1.96 -24.64 -1.11
N GLY B 56 -0.73 -24.93 -0.71
CA GLY B 56 -0.24 -26.32 -0.65
C GLY B 56 0.45 -26.82 -1.92
N THR B 57 0.31 -26.14 -3.06
CA THR B 57 0.90 -26.60 -4.34
C THR B 57 1.85 -25.55 -4.87
N PRO B 58 2.87 -25.93 -5.69
CA PRO B 58 3.80 -24.97 -6.24
C PRO B 58 3.25 -24.19 -7.45
N TYR B 59 3.59 -22.90 -7.47
CA TYR B 59 3.35 -21.98 -8.59
C TYR B 59 4.68 -21.38 -9.02
N PRO B 60 4.97 -21.30 -10.34
CA PRO B 60 6.17 -20.62 -10.83
C PRO B 60 6.28 -19.16 -10.37
N LEU B 61 7.49 -18.73 -10.02
CA LEU B 61 7.80 -17.34 -9.86
C LEU B 61 8.92 -16.92 -10.84
N VAL B 62 8.98 -15.61 -11.18
CA VAL B 62 10.01 -14.98 -12.02
C VAL B 62 10.22 -13.56 -11.55
N GLY B 63 11.47 -13.12 -11.50
CA GLY B 63 11.80 -11.80 -11.10
C GLY B 63 13.20 -11.42 -11.53
N LEU B 64 13.65 -10.29 -10.97
CA LEU B 64 14.97 -9.80 -11.20
C LEU B 64 15.60 -9.42 -9.86
N THR B 65 16.92 -9.32 -9.87
CA THR B 65 17.72 -8.90 -8.75
C THR B 65 18.79 -7.94 -9.20
N TRP B 66 19.24 -7.14 -8.23
CA TRP B 66 20.53 -6.54 -8.24
C TRP B 66 21.00 -6.44 -6.80
N GLY B 67 22.27 -6.70 -6.57
CA GLY B 67 22.82 -6.60 -5.23
C GLY B 67 21.92 -7.34 -4.25
N ASN B 68 21.61 -6.71 -3.11
CA ASN B 68 20.76 -7.26 -2.06
C ASN B 68 19.26 -7.22 -2.42
N PHE B 69 18.89 -6.60 -3.56
CA PHE B 69 17.52 -6.26 -3.88
C PHE B 69 16.93 -7.25 -4.86
N ILE B 70 15.61 -7.47 -4.69
CA ILE B 70 14.91 -8.47 -5.44
C ILE B 70 13.45 -8.08 -5.63
N GLY B 71 12.89 -8.51 -6.75
CA GLY B 71 11.47 -8.51 -6.99
C GLY B 71 11.03 -9.75 -7.76
N PHE B 72 9.86 -10.30 -7.40
CA PHE B 72 9.36 -11.41 -8.14
C PHE B 72 7.84 -11.48 -8.06
N THR B 73 7.28 -12.19 -9.04
CA THR B 73 5.87 -12.37 -9.29
C THR B 73 5.54 -13.87 -9.39
N VAL B 74 4.41 -14.25 -8.76
CA VAL B 74 3.65 -15.48 -8.96
C VAL B 74 2.24 -15.13 -9.46
N ALA B 75 1.82 -15.80 -10.53
CA ALA B 75 0.44 -15.85 -10.95
C ALA B 75 -0.15 -17.14 -10.38
N TRP B 76 -1.31 -17.02 -9.73
CA TRP B 76 -2.00 -18.10 -9.01
C TRP B 76 -2.74 -18.97 -10.04
N ASP B 77 -1.94 -19.63 -10.88
CA ASP B 77 -2.44 -20.58 -11.85
C ASP B 77 -1.44 -21.73 -11.98
N ASN B 78 -1.92 -22.95 -11.68
CA ASN B 78 -1.18 -24.19 -12.07
C ASN B 78 -2.21 -25.26 -12.44
N ALA B 79 -1.77 -26.52 -12.48
CA ALA B 79 -2.62 -27.61 -12.94
C ALA B 79 -3.61 -28.03 -11.84
N THR B 80 -3.29 -27.70 -10.58
CA THR B 80 -4.15 -28.05 -9.43
C THR B 80 -5.23 -27.00 -9.20
N ALA B 81 -4.84 -25.72 -9.18
CA ALA B 81 -5.81 -24.71 -8.81
C ALA B 81 -5.41 -23.33 -9.35
N ASN B 82 -6.46 -22.58 -9.69
CA ASN B 82 -6.42 -21.21 -10.25
C ASN B 82 -7.23 -20.29 -9.31
N CYS B 83 -6.61 -19.22 -8.78
CA CYS B 83 -7.31 -18.21 -7.91
C CYS B 83 -7.36 -16.82 -8.57
N ASN B 84 -7.09 -16.77 -9.87
CA ASN B 84 -7.49 -15.63 -10.74
C ASN B 84 -6.91 -14.34 -10.16
N SER B 85 -5.59 -14.34 -9.97
CA SER B 85 -4.90 -13.34 -9.14
C SER B 85 -3.40 -13.45 -9.40
N VAL B 86 -2.63 -12.41 -9.06
CA VAL B 86 -1.16 -12.46 -9.11
C VAL B 86 -0.62 -11.64 -7.97
N THR B 87 0.56 -12.06 -7.48
CA THR B 87 1.20 -11.40 -6.38
C THR B 87 2.61 -11.04 -6.78
N SER B 88 3.05 -9.85 -6.31
CA SER B 88 4.44 -9.46 -6.50
C SER B 88 5.02 -9.09 -5.15
N TRP B 89 6.26 -9.52 -4.97
CA TRP B 89 7.06 -9.31 -3.77
C TRP B 89 8.23 -8.42 -4.12
N THR B 90 8.54 -7.49 -3.24
CA THR B 90 9.74 -6.74 -3.45
C THR B 90 10.43 -6.51 -2.10
N GLY B 91 11.75 -6.59 -2.09
CA GLY B 91 12.41 -6.51 -0.82
C GLY B 91 13.91 -6.62 -0.92
N PHE B 92 14.53 -6.86 0.23
CA PHE B 92 15.99 -6.96 0.31
C PHE B 92 16.45 -8.09 1.23
N ALA B 93 17.65 -8.60 1.00
CA ALA B 93 18.25 -9.57 1.90
C ALA B 93 18.94 -8.81 2.99
N GLU B 94 19.08 -9.46 4.15
CA GLU B 94 19.94 -8.95 5.19
C GLU B 94 20.21 -10.09 6.15
N ALA B 95 21.43 -10.12 6.64
CA ALA B 95 21.84 -11.04 7.66
C ALA B 95 20.97 -10.80 8.92
N ALA B 96 20.62 -11.88 9.64
CA ALA B 96 20.15 -11.81 11.06
C ALA B 96 20.94 -12.86 11.86
N GLY B 97 22.22 -12.56 12.11
CA GLY B 97 23.18 -13.48 12.68
C GLY B 97 23.89 -14.28 11.59
N SER B 98 23.88 -15.61 11.75
CA SER B 98 24.42 -16.53 10.75
C SER B 98 23.31 -16.90 9.75
N ASP B 99 22.08 -16.47 10.02
CA ASP B 99 20.93 -16.58 9.11
C ASP B 99 20.94 -15.50 8.02
N VAL B 100 20.24 -15.78 6.92
CA VAL B 100 19.97 -14.81 5.87
C VAL B 100 18.46 -14.73 5.74
N THR B 101 17.94 -13.51 5.62
CA THR B 101 16.53 -13.27 5.56
C THR B 101 16.24 -12.39 4.36
N ILE B 102 15.00 -12.45 3.89
CA ILE B 102 14.49 -11.51 2.93
C ILE B 102 13.27 -10.81 3.53
N VAL B 103 13.42 -9.49 3.68
CA VAL B 103 12.39 -8.57 4.07
C VAL B 103 11.65 -8.11 2.82
N THR B 104 10.36 -8.48 2.69
CA THR B 104 9.56 -8.07 1.55
C THR B 104 8.20 -7.48 1.99
N ASP B 105 7.70 -6.59 1.12
CA ASP B 105 6.35 -6.17 1.03
C ASP B 105 5.76 -6.70 -0.28
N TRP B 106 4.45 -6.94 -0.29
CA TRP B 106 3.81 -7.60 -1.43
C TRP B 106 2.43 -6.98 -1.70
N ASN B 107 1.98 -7.25 -2.92
CA ASN B 107 0.77 -6.78 -3.41
C ASN B 107 0.14 -7.93 -4.16
N LEU B 108 -1.16 -8.08 -3.94
CA LEU B 108 -1.95 -9.11 -4.56
C LEU B 108 -3.12 -8.44 -5.26
N ALA B 109 -3.18 -8.62 -6.56
CA ALA B 109 -4.22 -8.03 -7.35
C ALA B 109 -5.18 -9.14 -7.66
N TYR B 110 -6.47 -8.90 -7.45
CA TYR B 110 -7.45 -9.96 -7.57
C TYR B 110 -8.81 -9.35 -7.85
N GLN B 111 -9.80 -10.18 -8.16
CA GLN B 111 -11.18 -9.68 -8.46
C GLN B 111 -12.07 -9.67 -7.22
N GLY B 112 -12.53 -8.48 -6.82
CA GLY B 112 -13.49 -8.31 -5.75
C GLY B 112 -14.92 -8.34 -6.27
N SER B 113 -15.82 -7.71 -5.53
CA SER B 113 -17.26 -7.89 -5.69
C SER B 113 -17.76 -7.24 -6.99
N SER B 114 -17.26 -6.04 -7.28
CA SER B 114 -17.57 -5.37 -8.55
C SER B 114 -16.29 -5.04 -9.35
N SER B 115 -15.13 -5.02 -8.68
CA SER B 115 -13.94 -4.24 -9.09
C SER B 115 -12.62 -4.98 -8.81
N GLY B 116 -11.62 -4.79 -9.67
CA GLY B 116 -10.27 -5.16 -9.29
C GLY B 116 -9.88 -4.56 -7.95
N GLU B 117 -9.09 -5.29 -7.14
CA GLU B 117 -8.64 -4.84 -5.85
C GLU B 117 -7.17 -5.23 -5.65
N ILE B 118 -6.46 -4.46 -4.83
CA ILE B 118 -5.09 -4.79 -4.49
C ILE B 118 -4.99 -4.91 -2.96
N GLN B 119 -4.68 -6.13 -2.48
CA GLN B 119 -4.37 -6.34 -1.08
C GLN B 119 -2.84 -6.27 -0.92
N GLN B 120 -2.40 -5.80 0.26
CA GLN B 120 -0.98 -5.53 0.54
C GLN B 120 -0.62 -6.19 1.85
N GLY B 121 0.68 -6.52 2.01
CA GLY B 121 1.19 -7.06 3.27
C GLY B 121 2.70 -7.14 3.24
N SER B 122 3.27 -7.79 4.26
CA SER B 122 4.68 -8.03 4.38
C SER B 122 4.96 -9.50 4.70
N ASP B 123 5.91 -10.10 3.96
CA ASP B 123 6.49 -11.41 4.27
C ASP B 123 7.96 -11.21 4.56
N THR B 124 8.48 -11.90 5.58
CA THR B 124 9.92 -12.15 5.87
C THR B 124 10.26 -13.65 5.68
N PHE B 125 11.24 -13.90 4.81
CA PHE B 125 11.71 -15.20 4.45
C PHE B 125 13.04 -15.45 5.15
N THR B 126 13.28 -16.69 5.55
CA THR B 126 14.53 -17.07 6.20
C THR B 126 15.11 -18.25 5.40
N LEU B 127 16.41 -18.19 5.14
CA LEU B 127 17.08 -19.19 4.36
C LEU B 127 17.03 -20.53 5.08
N VAL B 128 16.78 -21.59 4.31
CA VAL B 128 16.70 -22.94 4.82
C VAL B 128 17.79 -23.73 4.11
N ASN B 129 18.78 -24.34 5.15
CA ASN B 129 19.88 -25.13 4.59
C ASN B 129 19.38 -26.45 4.01
N LYS B 130 19.85 -26.80 2.81
CA LYS B 130 19.55 -28.09 2.18
C LYS B 130 19.75 -29.22 3.21
N ALA B 131 18.65 -29.89 3.57
CA ALA B 131 18.67 -31.04 4.47
C ALA B 131 19.27 -32.25 3.74
N MET B 132 20.37 -32.75 4.27
CA MET B 132 21.20 -33.79 3.64
C MET B 132 21.09 -35.13 4.42
N LYS B 133 20.10 -35.96 4.09
CA LYS B 133 19.91 -37.27 4.78
C LYS B 133 20.72 -38.31 4.00
N GLU B 134 21.16 -39.39 4.64
CA GLU B 134 21.82 -40.40 3.82
C GLU B 134 20.78 -41.30 3.12
N THR B 135 19.47 -41.13 3.43
CA THR B 135 18.49 -42.18 3.22
C THR B 135 17.10 -41.56 3.17
N PRO B 136 16.11 -42.13 2.45
CA PRO B 136 14.72 -41.75 2.67
C PRO B 136 13.93 -42.53 3.74
N LYS B 137 14.60 -43.27 4.62
CA LYS B 137 13.91 -44.09 5.66
C LYS B 137 14.01 -43.37 7.03
N MET B 138 13.03 -43.62 7.91
CA MET B 138 12.93 -42.97 9.23
C MET B 138 12.63 -44.02 10.31
N GLN C 3 -6.58 -25.02 -22.41
CA GLN C 3 -5.98 -24.92 -21.02
C GLN C 3 -4.91 -23.81 -21.01
N ASP C 4 -3.66 -24.12 -21.41
CA ASP C 4 -2.51 -23.18 -21.34
C ASP C 4 -2.73 -22.06 -22.36
N MET C 5 -2.37 -20.83 -22.01
CA MET C 5 -2.66 -19.69 -22.90
C MET C 5 -1.50 -19.45 -23.88
N SER C 6 -1.82 -19.24 -25.16
CA SER C 6 -0.82 -18.71 -26.12
C SER C 6 -0.51 -17.21 -25.88
N PRO C 7 0.56 -16.68 -26.48
CA PRO C 7 0.80 -15.24 -26.36
C PRO C 7 -0.41 -14.36 -26.69
N ARG C 8 -1.06 -14.63 -27.83
CA ARG C 8 -2.18 -13.76 -28.29
C ARG C 8 -3.31 -13.87 -27.25
N GLN C 9 -3.74 -15.09 -26.90
CA GLN C 9 -4.87 -15.31 -26.01
C GLN C 9 -4.61 -14.66 -24.63
N SER C 10 -3.36 -14.75 -24.16
CA SER C 10 -2.93 -14.13 -22.90
C SER C 10 -3.07 -12.61 -22.98
N ALA C 11 -2.68 -12.03 -24.13
CA ALA C 11 -2.81 -10.60 -24.35
C ALA C 11 -4.29 -10.17 -24.43
N GLU C 12 -5.10 -10.92 -25.19
CA GLU C 12 -6.54 -10.69 -25.30
C GLU C 12 -7.20 -10.77 -23.91
N ALA C 13 -6.77 -11.73 -23.07
CA ALA C 13 -7.37 -11.92 -21.76
C ALA C 13 -7.04 -10.75 -20.82
N PHE C 14 -5.99 -10.01 -21.17
CA PHE C 14 -5.56 -8.86 -20.43
C PHE C 14 -6.32 -7.63 -20.92
N GLY C 15 -6.74 -7.66 -22.18
CA GLY C 15 -7.60 -6.66 -22.74
C GLY C 15 -6.95 -5.88 -23.86
N VAL C 16 -5.92 -6.45 -24.50
CA VAL C 16 -5.11 -5.73 -25.50
C VAL C 16 -5.06 -6.58 -26.77
N PRO C 17 -5.17 -5.98 -27.98
CA PRO C 17 -5.26 -6.75 -29.24
C PRO C 17 -4.00 -7.54 -29.63
N ALA C 18 -2.86 -6.98 -29.26
CA ALA C 18 -1.56 -7.32 -29.77
C ALA C 18 -0.70 -7.94 -28.67
N VAL C 19 0.26 -8.78 -29.08
CA VAL C 19 1.14 -9.37 -28.08
C VAL C 19 2.16 -8.32 -27.61
N SER C 20 2.48 -7.37 -28.50
CA SER C 20 3.25 -6.17 -28.10
C SER C 20 2.27 -4.99 -27.87
N SER C 21 2.56 -4.18 -26.83
CA SER C 21 1.72 -3.06 -26.36
C SER C 21 2.59 -2.01 -25.67
N SER C 22 2.31 -0.76 -26.04
CA SER C 22 3.01 0.39 -25.56
C SER C 22 2.12 1.07 -24.51
N TRP C 23 2.76 1.62 -23.46
CA TRP C 23 2.05 2.26 -22.33
C TRP C 23 2.78 3.49 -21.80
N VAL C 24 1.97 4.45 -21.31
CA VAL C 24 2.46 5.63 -20.59
C VAL C 24 1.64 5.78 -19.30
N ASN C 25 2.33 6.22 -18.23
CA ASN C 25 1.70 6.43 -16.95
C ASN C 25 1.58 7.94 -16.72
N GLN C 26 1.06 8.27 -15.54
CA GLN C 26 0.78 9.65 -15.16
C GLN C 26 2.07 10.47 -15.09
N ASP C 27 3.23 9.85 -14.89
CA ASP C 27 4.43 10.66 -14.79
C ASP C 27 5.02 10.87 -16.18
N GLY C 28 4.39 10.31 -17.21
CA GLY C 28 5.07 10.24 -18.52
C GLY C 28 6.07 9.10 -18.61
N SER C 29 6.17 8.24 -17.59
CA SER C 29 6.97 7.04 -17.71
C SER C 29 6.31 6.13 -18.74
N THR C 30 7.13 5.38 -19.49
CA THR C 30 6.67 4.54 -20.65
C THR C 30 7.20 3.13 -20.49
N MET C 31 6.44 2.17 -21.03
CA MET C 31 6.91 0.81 -21.08
C MET C 31 6.24 0.10 -22.24
N THR C 32 6.87 -1.02 -22.60
CA THR C 32 6.37 -1.93 -23.60
C THR C 32 6.17 -3.30 -22.91
N LEU C 33 5.02 -3.91 -23.16
CA LEU C 33 4.67 -5.18 -22.62
C LEU C 33 4.56 -6.19 -23.76
N VAL C 34 5.18 -7.36 -23.56
CA VAL C 34 5.22 -8.42 -24.52
C VAL C 34 4.82 -9.67 -23.75
N PHE C 35 3.64 -10.21 -24.11
CA PHE C 35 3.13 -11.40 -23.59
C PHE C 35 3.74 -12.59 -24.35
N GLY C 36 4.11 -13.63 -23.59
CA GLY C 36 4.62 -14.86 -24.12
C GLY C 36 3.90 -16.05 -23.55
N ALA C 37 4.58 -17.19 -23.61
CA ALA C 37 3.99 -18.46 -23.25
C ALA C 37 4.05 -18.58 -21.75
N GLY C 38 3.30 -19.57 -21.24
CA GLY C 38 3.25 -19.92 -19.79
C GLY C 38 3.04 -18.69 -18.90
N ASN C 39 2.13 -17.78 -19.32
CA ASN C 39 1.69 -16.63 -18.54
C ASN C 39 2.81 -15.58 -18.43
N SER C 40 3.83 -15.66 -19.29
CA SER C 40 4.99 -14.79 -19.18
C SER C 40 4.67 -13.39 -19.72
N VAL C 41 5.50 -12.41 -19.28
CA VAL C 41 5.46 -11.07 -19.71
C VAL C 41 6.90 -10.58 -19.75
N SER C 42 7.30 -9.97 -20.86
CA SER C 42 8.61 -9.34 -20.91
C SER C 42 8.44 -7.94 -21.49
N GLY C 43 9.49 -7.11 -21.37
CA GLY C 43 9.55 -5.84 -22.07
C GLY C 43 10.56 -4.88 -21.49
N PHE C 44 10.25 -3.60 -21.56
CA PHE C 44 11.21 -2.57 -21.30
C PHE C 44 10.44 -1.40 -20.66
N TYR C 45 11.12 -0.71 -19.72
CA TYR C 45 10.51 0.35 -18.93
C TYR C 45 11.43 1.56 -18.99
N VAL C 46 10.85 2.72 -19.25
CA VAL C 46 11.61 3.94 -19.21
C VAL C 46 10.95 4.81 -18.14
N ASN C 47 11.74 5.15 -17.11
CA ASN C 47 11.27 5.92 -15.93
C ASN C 47 11.53 7.39 -16.22
N ASN C 48 10.47 8.20 -16.28
CA ASN C 48 10.55 9.68 -16.32
C ASN C 48 9.90 10.31 -15.09
N ALA C 49 10.02 9.69 -13.91
CA ALA C 49 9.30 10.16 -12.72
C ALA C 49 10.14 11.22 -12.01
N PRO C 50 9.52 12.35 -11.64
CA PRO C 50 10.29 13.46 -11.07
C PRO C 50 11.03 12.89 -9.86
N GLY C 51 12.31 13.22 -9.75
CA GLY C 51 13.12 12.96 -8.53
C GLY C 51 13.77 11.58 -8.49
N PHE C 52 13.65 10.82 -9.57
CA PHE C 52 14.15 9.44 -9.62
C PHE C 52 15.44 9.48 -10.45
N GLY C 53 16.57 8.96 -9.93
CA GLY C 53 17.78 8.69 -10.77
C GLY C 53 17.44 7.62 -11.79
N CYS C 54 18.29 7.34 -12.76
CA CYS C 54 17.93 6.29 -13.76
C CYS C 54 16.70 6.67 -14.59
N GLN C 55 16.57 7.94 -14.94
CA GLN C 55 15.51 8.42 -15.81
C GLN C 55 15.98 8.31 -17.25
N GLY C 56 15.03 8.08 -18.15
CA GLY C 56 15.20 8.36 -19.54
C GLY C 56 15.85 7.26 -20.34
N THR C 57 16.31 6.17 -19.74
CA THR C 57 16.79 4.98 -20.53
C THR C 57 15.96 3.74 -20.21
N PRO C 58 15.92 2.76 -21.11
CA PRO C 58 15.13 1.57 -20.86
C PRO C 58 15.90 0.52 -20.03
N TYR C 59 15.11 -0.10 -19.13
CA TYR C 59 15.49 -1.20 -18.30
C TYR C 59 14.55 -2.36 -18.57
N PRO C 60 15.04 -3.61 -18.63
CA PRO C 60 14.15 -4.75 -18.90
C PRO C 60 13.13 -5.00 -17.78
N LEU C 61 11.97 -5.53 -18.16
CA LEU C 61 11.03 -5.97 -17.22
C LEU C 61 10.65 -7.41 -17.54
N VAL C 62 10.33 -8.17 -16.47
CA VAL C 62 9.76 -9.52 -16.56
C VAL C 62 8.70 -9.66 -15.49
N GLY C 63 7.65 -10.44 -15.80
CA GLY C 63 6.64 -10.79 -14.86
C GLY C 63 5.76 -11.87 -15.39
N LEU C 64 4.56 -11.94 -14.81
CA LEU C 64 3.53 -12.89 -15.15
C LEU C 64 2.16 -12.22 -15.09
N THR C 65 1.20 -12.90 -15.69
CA THR C 65 -0.13 -12.41 -15.89
C THR C 65 -1.11 -13.58 -15.80
N TRP C 66 -2.32 -13.28 -15.31
CA TRP C 66 -3.48 -14.13 -15.55
C TRP C 66 -4.71 -13.23 -15.71
N GLY C 67 -5.57 -13.53 -16.69
CA GLY C 67 -6.69 -12.66 -17.03
C GLY C 67 -6.27 -11.19 -17.06
N ASN C 68 -6.99 -10.32 -16.33
CA ASN C 68 -6.72 -8.86 -16.21
C ASN C 68 -5.54 -8.56 -15.25
N PHE C 69 -4.98 -9.59 -14.60
CA PHE C 69 -4.05 -9.28 -13.55
C PHE C 69 -2.61 -9.45 -14.02
N ILE C 70 -1.72 -8.65 -13.44
CA ILE C 70 -0.36 -8.64 -13.86
C ILE C 70 0.50 -8.21 -12.69
N GLY C 71 1.71 -8.73 -12.67
CA GLY C 71 2.81 -8.17 -11.95
C GLY C 71 4.11 -8.34 -12.75
N PHE C 72 5.04 -7.42 -12.53
CA PHE C 72 6.29 -7.39 -13.25
C PHE C 72 7.29 -6.61 -12.40
N THR C 73 8.58 -6.90 -12.56
CA THR C 73 9.62 -6.19 -11.87
C THR C 73 10.69 -5.65 -12.82
N VAL C 74 11.33 -4.58 -12.35
CA VAL C 74 12.39 -3.92 -13.05
C VAL C 74 13.55 -3.80 -12.08
N ALA C 75 14.75 -4.25 -12.47
CA ALA C 75 15.96 -3.91 -11.73
C ALA C 75 16.62 -2.69 -12.39
N TRP C 76 16.94 -1.71 -11.57
CA TRP C 76 17.49 -0.49 -12.06
C TRP C 76 18.96 -0.71 -12.34
N ASP C 77 19.19 -1.53 -13.37
CA ASP C 77 20.51 -1.81 -13.89
C ASP C 77 20.47 -1.96 -15.41
N ASN C 78 21.30 -1.17 -16.09
CA ASN C 78 21.59 -1.27 -17.54
C ASN C 78 22.95 -0.60 -17.81
N ALA C 79 23.31 -0.53 -19.09
CA ALA C 79 24.63 -0.03 -19.52
C ALA C 79 24.79 1.46 -19.21
N THR C 80 23.69 2.21 -19.19
CA THR C 80 23.75 3.67 -18.91
C THR C 80 23.89 4.02 -17.42
N ALA C 81 23.03 3.45 -16.57
CA ALA C 81 23.03 3.81 -15.15
C ALA C 81 22.41 2.70 -14.29
N ASN C 82 23.05 2.50 -13.13
CA ASN C 82 22.60 1.60 -12.04
C ASN C 82 22.16 2.42 -10.79
N CYS C 83 20.98 2.14 -10.23
CA CYS C 83 20.49 2.85 -9.01
C CYS C 83 20.28 1.89 -7.83
N ASN C 84 20.79 0.65 -7.97
CA ASN C 84 20.97 -0.28 -6.83
C ASN C 84 19.64 -0.46 -6.10
N SER C 85 18.63 -0.92 -6.85
CA SER C 85 17.27 -0.97 -6.38
C SER C 85 16.42 -1.75 -7.39
N VAL C 86 15.29 -2.27 -6.95
CA VAL C 86 14.40 -2.89 -7.88
C VAL C 86 12.97 -2.54 -7.47
N THR C 87 12.08 -2.49 -8.45
CA THR C 87 10.71 -2.15 -8.27
C THR C 87 9.84 -3.26 -8.82
N SER C 88 8.75 -3.62 -8.13
CA SER C 88 7.73 -4.47 -8.75
C SER C 88 6.37 -3.77 -8.73
N TRP C 89 5.65 -3.94 -9.83
CA TRP C 89 4.33 -3.42 -9.97
C TRP C 89 3.38 -4.60 -9.93
N THR C 90 2.20 -4.38 -9.33
CA THR C 90 1.17 -5.34 -9.42
C THR C 90 -0.13 -4.63 -9.65
N GLY C 91 -1.05 -5.23 -10.41
CA GLY C 91 -2.31 -4.54 -10.64
C GLY C 91 -3.19 -5.25 -11.64
N PHE C 92 -4.19 -4.51 -12.15
CA PHE C 92 -5.22 -5.06 -13.06
C PHE C 92 -5.55 -4.09 -14.19
N ALA C 93 -6.16 -4.64 -15.25
CA ALA C 93 -6.44 -3.93 -16.45
C ALA C 93 -7.93 -3.65 -16.51
N GLU C 94 -8.34 -2.44 -16.93
CA GLU C 94 -9.76 -2.26 -17.23
C GLU C 94 -9.92 -1.32 -18.42
N ALA C 95 -11.01 -1.55 -19.17
CA ALA C 95 -11.56 -0.60 -20.16
C ALA C 95 -12.12 0.63 -19.41
N ALA C 96 -11.62 1.83 -19.76
CA ALA C 96 -11.96 3.14 -19.12
C ALA C 96 -12.40 4.16 -20.19
N GLY C 97 -13.55 3.92 -20.82
CA GLY C 97 -13.96 4.54 -22.09
C GLY C 97 -13.60 3.66 -23.29
N SER C 98 -13.01 4.25 -24.33
CA SER C 98 -12.42 3.48 -25.47
C SER C 98 -10.95 3.12 -25.19
N ASP C 99 -10.33 3.78 -24.18
CA ASP C 99 -9.00 3.45 -23.66
C ASP C 99 -8.92 2.07 -22.99
N VAL C 100 -7.68 1.72 -22.64
CA VAL C 100 -7.37 0.62 -21.76
C VAL C 100 -6.33 1.16 -20.76
N THR C 101 -6.57 0.93 -19.47
CA THR C 101 -5.67 1.39 -18.44
C THR C 101 -5.25 0.18 -17.60
N ILE C 102 -4.18 0.39 -16.85
CA ILE C 102 -3.75 -0.50 -15.85
C ILE C 102 -3.59 0.27 -14.53
N VAL C 103 -4.29 -0.19 -13.52
CA VAL C 103 -4.14 0.28 -12.17
C VAL C 103 -3.13 -0.59 -11.43
N THR C 104 -2.06 0.01 -10.94
CA THR C 104 -1.03 -0.71 -10.28
C THR C 104 -0.61 0.01 -9.03
N ASP C 105 -0.04 -0.77 -8.12
CA ASP C 105 0.72 -0.25 -7.03
C ASP C 105 2.11 -0.81 -7.19
N TRP C 106 3.08 -0.15 -6.56
CA TRP C 106 4.44 -0.59 -6.69
C TRP C 106 5.23 -0.42 -5.38
N ASN C 107 6.27 -1.23 -5.25
CA ASN C 107 7.16 -1.18 -4.19
C ASN C 107 8.53 -1.06 -4.83
N LEU C 108 9.34 -0.19 -4.25
CA LEU C 108 10.69 0.05 -4.65
C LEU C 108 11.58 -0.24 -3.44
N ALA C 109 12.40 -1.28 -3.57
CA ALA C 109 13.35 -1.68 -2.55
C ALA C 109 14.71 -1.10 -2.92
N TYR C 110 15.38 -0.48 -1.93
CA TYR C 110 16.55 0.34 -2.19
C TYR C 110 17.29 0.45 -0.86
N GLN C 111 18.52 0.99 -0.90
CA GLN C 111 19.39 1.15 0.26
C GLN C 111 19.19 2.55 0.83
N GLY C 112 18.82 2.58 2.12
CA GLY C 112 18.62 3.77 2.91
C GLY C 112 19.83 4.00 3.79
N SER C 113 19.74 4.99 4.67
CA SER C 113 20.91 5.52 5.33
C SER C 113 21.44 4.50 6.33
N SER C 114 20.56 3.68 6.91
CA SER C 114 20.94 2.65 7.92
C SER C 114 20.49 1.23 7.55
N SER C 115 19.62 1.05 6.56
CA SER C 115 19.21 -0.28 6.19
C SER C 115 18.50 -0.22 4.83
N GLY C 116 18.04 -1.38 4.37
CA GLY C 116 17.09 -1.45 3.29
C GLY C 116 15.77 -0.81 3.66
N GLU C 117 15.16 -0.14 2.66
CA GLU C 117 13.88 0.47 2.77
C GLU C 117 13.04 0.03 1.58
N ILE C 118 11.73 0.16 1.71
CA ILE C 118 10.81 -0.10 0.61
C ILE C 118 9.85 1.09 0.54
N GLN C 119 9.90 1.83 -0.58
CA GLN C 119 9.01 2.94 -0.83
C GLN C 119 7.87 2.42 -1.69
N GLN C 120 6.64 2.77 -1.29
CA GLN C 120 5.43 2.32 -2.03
C GLN C 120 4.97 3.46 -2.94
N GLY C 121 4.24 3.10 -4.00
CA GLY C 121 3.51 4.06 -4.79
C GLY C 121 2.46 3.43 -5.66
N SER C 122 1.86 4.27 -6.52
CA SER C 122 0.74 3.91 -7.40
C SER C 122 0.96 4.56 -8.78
N ASP C 123 0.92 3.76 -9.85
CA ASP C 123 0.95 4.24 -11.20
C ASP C 123 -0.32 3.74 -11.88
N THR C 124 -0.91 4.58 -12.73
CA THR C 124 -1.98 4.26 -13.65
C THR C 124 -1.41 4.40 -15.07
N PHE C 125 -1.40 3.30 -15.81
CA PHE C 125 -0.88 3.23 -17.17
C PHE C 125 -2.05 3.26 -18.15
N THR C 126 -1.82 3.93 -19.27
CA THR C 126 -2.74 4.14 -20.33
C THR C 126 -2.14 3.53 -21.61
N LEU C 127 -2.95 2.74 -22.31
CA LEU C 127 -2.56 2.15 -23.53
C LEU C 127 -2.34 3.23 -24.58
N VAL C 128 -1.24 3.11 -25.35
CA VAL C 128 -0.89 4.03 -26.41
C VAL C 128 -1.02 3.27 -27.73
N ASN C 129 -1.82 3.80 -28.66
CA ASN C 129 -2.00 3.23 -29.96
C ASN C 129 -0.73 3.45 -30.77
N LYS C 130 -0.29 2.37 -31.43
CA LYS C 130 0.91 2.42 -32.27
C LYS C 130 0.67 3.46 -33.34
N ALA C 131 1.47 4.52 -33.34
CA ALA C 131 1.36 5.56 -34.37
C ALA C 131 2.11 5.10 -35.65
N MET C 132 1.36 4.81 -36.70
CA MET C 132 1.89 4.56 -38.00
C MET C 132 2.09 5.90 -38.72
N LYS C 133 3.31 6.47 -38.64
CA LYS C 133 3.59 7.84 -39.13
C LYS C 133 3.69 7.92 -40.67
N GLU C 134 4.16 6.85 -41.31
CA GLU C 134 4.25 6.71 -42.81
C GLU C 134 5.51 7.38 -43.40
N THR C 135 6.29 8.08 -42.58
CA THR C 135 7.56 8.69 -42.96
C THR C 135 8.29 9.12 -41.69
N PRO C 136 9.64 9.25 -41.72
CA PRO C 136 10.39 9.88 -40.62
C PRO C 136 10.64 11.41 -40.73
N LYS C 137 9.96 12.09 -41.66
CA LYS C 137 10.08 13.55 -41.84
C LYS C 137 9.04 14.26 -40.93
N MET C 138 9.50 15.19 -40.06
CA MET C 138 8.76 16.00 -38.94
C MET C 138 8.56 15.20 -37.64
N GLN D 3 -2.65 7.44 32.62
CA GLN D 3 -2.37 8.88 32.98
C GLN D 3 -2.78 9.78 31.80
N ASP D 4 -3.94 10.41 31.93
CA ASP D 4 -4.67 11.05 30.83
C ASP D 4 -3.98 12.38 30.44
N MET D 5 -3.65 12.56 29.15
CA MET D 5 -2.82 13.65 28.60
C MET D 5 -3.62 14.93 28.37
N SER D 6 -3.04 16.05 28.79
CA SER D 6 -3.55 17.38 28.40
C SER D 6 -3.03 17.72 27.02
N PRO D 7 -3.70 18.64 26.31
CA PRO D 7 -3.19 19.22 25.06
C PRO D 7 -1.68 19.54 25.10
N ARG D 8 -1.22 20.39 26.03
CA ARG D 8 0.22 20.77 26.04
C ARG D 8 1.03 19.46 26.19
N GLN D 9 0.65 18.58 27.11
CA GLN D 9 1.42 17.38 27.37
C GLN D 9 1.47 16.46 26.14
N SER D 10 0.35 16.41 25.38
CA SER D 10 0.21 15.60 24.21
C SER D 10 1.09 16.17 23.08
N ALA D 11 1.09 17.50 22.95
CA ALA D 11 1.89 18.14 21.90
C ALA D 11 3.38 17.94 22.23
N GLU D 12 3.73 18.07 23.51
CA GLU D 12 5.15 17.98 23.96
C GLU D 12 5.65 16.56 23.72
N ALA D 13 4.79 15.55 23.97
CA ALA D 13 5.14 14.12 23.77
C ALA D 13 5.33 13.83 22.27
N PHE D 14 4.60 14.55 21.42
CA PHE D 14 4.76 14.42 19.97
C PHE D 14 6.07 15.08 19.53
N GLY D 15 6.52 16.09 20.29
CA GLY D 15 7.81 16.75 20.07
C GLY D 15 7.69 18.21 19.66
N VAL D 16 6.49 18.82 19.82
CA VAL D 16 6.35 20.27 19.53
C VAL D 16 6.08 21.04 20.81
N PRO D 17 6.61 22.29 20.93
CA PRO D 17 6.46 23.11 22.14
C PRO D 17 5.03 23.50 22.46
N ALA D 18 4.21 23.60 21.41
CA ALA D 18 2.94 24.29 21.52
C ALA D 18 1.81 23.40 21.01
N VAL D 19 0.60 23.78 21.39
CA VAL D 19 -0.63 23.06 21.13
C VAL D 19 -1.05 23.18 19.66
N SER D 20 -0.87 24.36 19.07
CA SER D 20 -1.06 24.54 17.62
C SER D 20 0.33 24.55 16.97
N SER D 21 0.43 23.97 15.77
CA SER D 21 1.70 23.96 15.01
C SER D 21 1.38 23.99 13.52
N SER D 22 2.26 24.67 12.78
CA SER D 22 2.17 24.82 11.35
C SER D 22 3.21 23.90 10.69
N TRP D 23 2.83 23.26 9.57
CA TRP D 23 3.79 22.33 8.91
C TRP D 23 3.78 22.47 7.40
N VAL D 24 4.90 22.07 6.80
CA VAL D 24 5.02 22.02 5.31
C VAL D 24 5.66 20.68 4.88
N ASN D 25 5.13 20.07 3.81
CA ASN D 25 5.65 18.83 3.26
C ASN D 25 6.42 19.12 1.96
N GLN D 26 7.01 18.06 1.42
CA GLN D 26 7.94 18.09 0.32
C GLN D 26 7.31 18.75 -0.92
N ASP D 27 5.97 18.73 -1.07
CA ASP D 27 5.26 19.33 -2.20
C ASP D 27 4.85 20.81 -1.98
N GLY D 28 5.09 21.36 -0.79
CA GLY D 28 4.51 22.64 -0.49
C GLY D 28 3.10 22.56 0.08
N SER D 29 2.52 21.34 0.20
CA SER D 29 1.27 21.20 0.96
C SER D 29 1.48 21.72 2.40
N THR D 30 0.45 22.28 3.03
CA THR D 30 0.62 22.85 4.38
C THR D 30 -0.49 22.32 5.25
N MET D 31 -0.25 22.28 6.56
CA MET D 31 -1.34 21.94 7.48
C MET D 31 -1.05 22.55 8.84
N THR D 32 -2.13 22.67 9.60
CA THR D 32 -2.05 23.14 10.96
C THR D 32 -2.56 22.01 11.87
N LEU D 33 -1.78 21.68 12.89
CA LEU D 33 -2.17 20.58 13.84
C LEU D 33 -2.56 21.16 15.21
N VAL D 34 -3.72 20.77 15.73
CA VAL D 34 -4.11 21.23 17.06
C VAL D 34 -4.35 20.03 17.97
N PHE D 35 -3.55 19.92 19.02
CA PHE D 35 -3.70 18.80 19.95
C PHE D 35 -4.78 19.18 20.98
N GLY D 36 -5.68 18.23 21.26
CA GLY D 36 -6.71 18.37 22.24
C GLY D 36 -6.62 17.31 23.31
N ALA D 37 -7.74 17.14 24.02
CA ALA D 37 -7.90 16.17 25.09
C ALA D 37 -8.23 14.81 24.47
N GLY D 38 -8.11 13.77 25.26
CA GLY D 38 -8.43 12.43 24.81
C GLY D 38 -7.67 12.04 23.54
N ASN D 39 -6.39 12.41 23.46
CA ASN D 39 -5.49 12.00 22.41
C ASN D 39 -5.86 12.65 21.07
N SER D 40 -6.71 13.68 21.11
CA SER D 40 -7.39 14.13 19.93
C SER D 40 -6.41 15.02 19.16
N VAL D 41 -6.67 15.14 17.86
CA VAL D 41 -5.98 15.99 16.93
C VAL D 41 -7.04 16.54 15.97
N SER D 42 -6.97 17.86 15.73
CA SER D 42 -7.75 18.56 14.70
C SER D 42 -6.88 19.64 14.04
N GLY D 43 -7.40 20.21 12.96
CA GLY D 43 -6.77 21.24 12.23
C GLY D 43 -7.29 21.30 10.81
N PHE D 44 -6.37 21.71 9.90
CA PHE D 44 -6.74 22.20 8.55
C PHE D 44 -5.60 21.77 7.67
N TYR D 45 -5.93 21.35 6.45
CA TYR D 45 -4.94 20.92 5.46
C TYR D 45 -5.18 21.62 4.11
N VAL D 46 -4.07 22.12 3.54
CA VAL D 46 -3.99 22.74 2.22
C VAL D 46 -3.05 21.90 1.34
N ASN D 47 -3.62 21.30 0.28
CA ASN D 47 -2.93 20.43 -0.67
C ASN D 47 -2.42 21.23 -1.89
N ASN D 48 -1.11 21.31 -2.08
CA ASN D 48 -0.53 21.87 -3.29
C ASN D 48 0.30 20.79 -3.98
N ALA D 49 -0.21 19.55 -3.97
CA ALA D 49 0.52 18.44 -4.57
C ALA D 49 0.27 18.49 -6.08
N PRO D 50 1.30 18.22 -6.90
CA PRO D 50 1.15 18.20 -8.35
C PRO D 50 0.14 17.13 -8.79
N GLY D 51 -0.83 17.56 -9.63
CA GLY D 51 -1.85 16.65 -10.19
C GLY D 51 -3.12 16.44 -9.33
N PHE D 52 -3.17 16.97 -8.10
CA PHE D 52 -4.33 16.79 -7.28
C PHE D 52 -5.32 17.92 -7.62
N GLY D 53 -6.59 17.53 -7.87
CA GLY D 53 -7.74 18.47 -7.80
C GLY D 53 -7.83 19.03 -6.38
N CYS D 54 -8.79 19.89 -6.10
CA CYS D 54 -8.99 20.35 -4.70
C CYS D 54 -7.68 20.84 -4.07
N GLN D 55 -6.85 21.54 -4.85
CA GLN D 55 -5.63 22.25 -4.36
C GLN D 55 -6.02 23.63 -3.82
N GLY D 56 -5.18 24.15 -2.92
CA GLY D 56 -5.07 25.55 -2.65
C GLY D 56 -6.13 26.09 -1.70
N THR D 57 -6.96 25.23 -1.09
CA THR D 57 -7.96 25.68 -0.09
C THR D 57 -7.87 24.76 1.12
N PRO D 58 -8.28 25.23 2.31
CA PRO D 58 -8.21 24.40 3.51
C PRO D 58 -9.42 23.49 3.72
N TYR D 59 -9.09 22.27 4.14
CA TYR D 59 -10.01 21.16 4.39
C TYR D 59 -9.79 20.71 5.83
N PRO D 60 -10.84 20.51 6.64
CA PRO D 60 -10.65 20.06 8.02
C PRO D 60 -9.93 18.70 8.07
N LEU D 61 -9.08 18.55 9.08
CA LEU D 61 -8.57 17.26 9.43
C LEU D 61 -8.94 16.91 10.89
N VAL D 62 -8.86 15.60 11.19
CA VAL D 62 -9.14 15.08 12.49
C VAL D 62 -8.39 13.76 12.68
N GLY D 63 -7.94 13.48 13.91
CA GLY D 63 -7.19 12.27 14.12
C GLY D 63 -6.88 12.01 15.58
N LEU D 64 -5.97 11.08 15.83
CA LEU D 64 -5.46 10.84 17.18
C LEU D 64 -3.95 10.71 17.20
N THR D 65 -3.41 10.73 18.41
CA THR D 65 -2.00 10.67 18.64
C THR D 65 -1.76 9.85 19.92
N TRP D 66 -0.60 9.19 19.92
CA TRP D 66 -0.01 8.71 21.15
C TRP D 66 1.50 8.89 21.02
N GLY D 67 2.12 9.49 22.02
CA GLY D 67 3.58 9.68 21.96
C GLY D 67 3.98 10.32 20.64
N ASN D 68 4.93 9.70 19.94
CA ASN D 68 5.52 10.25 18.70
C ASN D 68 4.63 9.96 17.49
N PHE D 69 3.51 9.28 17.74
CA PHE D 69 2.77 8.68 16.70
C PHE D 69 1.44 9.39 16.50
N ILE D 70 1.07 9.49 15.21
CA ILE D 70 -0.10 10.16 14.84
C ILE D 70 -0.76 9.50 13.64
N GLY D 71 -2.05 9.74 13.53
CA GLY D 71 -2.83 9.45 12.37
C GLY D 71 -3.86 10.55 12.18
N PHE D 72 -4.22 10.85 10.91
CA PHE D 72 -5.28 11.78 10.66
C PHE D 72 -5.88 11.59 9.26
N THR D 73 -7.08 12.12 9.10
CA THR D 73 -7.88 11.97 7.91
C THR D 73 -8.32 13.35 7.41
N VAL D 74 -8.35 13.54 6.07
CA VAL D 74 -9.01 14.67 5.46
C VAL D 74 -10.05 14.15 4.46
N ALA D 75 -11.29 14.61 4.59
CA ALA D 75 -12.29 14.43 3.53
C ALA D 75 -12.15 15.61 2.58
N TRP D 76 -12.13 15.34 1.27
CA TRP D 76 -11.90 16.40 0.29
C TRP D 76 -13.23 17.06 -0.03
N ASP D 77 -13.75 17.76 1.00
CA ASP D 77 -14.98 18.49 0.86
C ASP D 77 -14.90 19.75 1.72
N ASN D 78 -15.09 20.92 1.07
CA ASN D 78 -15.28 22.23 1.73
C ASN D 78 -16.25 23.05 0.87
N ALA D 79 -16.35 24.35 1.15
CA ALA D 79 -17.30 25.25 0.45
C ALA D 79 -16.83 25.56 -0.98
N THR D 80 -15.52 25.61 -1.18
CA THR D 80 -14.98 25.84 -2.51
C THR D 80 -15.12 24.62 -3.44
N ALA D 81 -14.82 23.40 -2.95
CA ALA D 81 -14.68 22.27 -3.91
C ALA D 81 -14.62 20.90 -3.22
N ASN D 82 -15.27 19.93 -3.88
CA ASN D 82 -15.40 18.54 -3.47
C ASN D 82 -14.77 17.62 -4.52
N CYS D 83 -13.81 16.78 -4.09
CA CYS D 83 -13.14 15.78 -4.95
C CYS D 83 -13.52 14.34 -4.56
N ASN D 84 -14.62 14.21 -3.82
CA ASN D 84 -15.34 12.95 -3.71
C ASN D 84 -14.34 11.83 -3.38
N SER D 85 -13.60 12.02 -2.30
CA SER D 85 -12.47 11.18 -2.01
C SER D 85 -12.04 11.50 -0.58
N VAL D 86 -11.34 10.58 0.10
CA VAL D 86 -10.72 10.93 1.42
C VAL D 86 -9.29 10.38 1.50
N THR D 87 -8.45 11.04 2.31
CA THR D 87 -7.08 10.66 2.52
C THR D 87 -6.84 10.49 4.02
N SER D 88 -6.07 9.45 4.39
CA SER D 88 -5.55 9.35 5.76
C SER D 88 -4.03 9.26 5.70
N TRP D 89 -3.38 9.89 6.68
CA TRP D 89 -1.94 9.90 6.94
C TRP D 89 -1.67 9.17 8.24
N THR D 90 -0.61 8.36 8.30
CA THR D 90 -0.18 7.76 9.57
C THR D 90 1.35 7.85 9.66
N GLY D 91 1.89 8.14 10.82
CA GLY D 91 3.33 8.29 10.83
C GLY D 91 3.89 8.68 12.19
N PHE D 92 5.10 9.22 12.16
CA PHE D 92 5.78 9.50 13.40
C PHE D 92 6.63 10.77 13.29
N ALA D 93 6.88 11.40 14.44
CA ALA D 93 7.68 12.62 14.51
C ALA D 93 9.10 12.20 14.79
N GLU D 94 10.05 12.88 14.15
CA GLU D 94 11.45 12.69 14.51
C GLU D 94 12.23 13.96 14.22
N ALA D 95 13.25 14.20 15.07
CA ALA D 95 14.32 15.14 14.82
C ALA D 95 14.96 14.83 13.45
N ALA D 96 15.13 15.90 12.63
CA ALA D 96 16.03 15.92 11.46
C ALA D 96 16.87 17.20 11.56
N GLY D 97 18.03 17.06 12.21
CA GLY D 97 18.82 18.19 12.66
C GLY D 97 18.17 18.85 13.85
N SER D 98 17.95 20.16 13.74
CA SER D 98 17.18 20.98 14.72
C SER D 98 15.77 21.26 14.19
N ASP D 99 15.41 20.68 13.03
CA ASP D 99 14.00 20.68 12.60
C ASP D 99 13.25 19.57 13.31
N VAL D 100 11.92 19.67 13.27
CA VAL D 100 11.09 18.59 13.67
C VAL D 100 10.30 18.15 12.45
N THR D 101 10.31 16.84 12.15
CA THR D 101 9.63 16.31 10.98
C THR D 101 8.59 15.31 11.43
N ILE D 102 7.63 15.07 10.55
CA ILE D 102 6.75 13.97 10.64
C ILE D 102 6.88 13.14 9.34
N VAL D 103 7.21 11.85 9.51
CA VAL D 103 7.34 10.88 8.48
C VAL D 103 6.04 10.08 8.44
N THR D 104 5.41 10.05 7.26
CA THR D 104 4.07 9.52 7.08
C THR D 104 3.91 8.84 5.72
N ASP D 105 3.03 7.86 5.74
CA ASP D 105 2.51 7.20 4.61
C ASP D 105 1.02 7.55 4.59
N TRP D 106 0.41 7.57 3.39
CA TRP D 106 -0.95 7.98 3.17
C TRP D 106 -1.63 7.10 2.11
N ASN D 107 -2.96 7.01 2.25
CA ASN D 107 -3.88 6.31 1.36
C ASN D 107 -5.00 7.27 0.98
N LEU D 108 -5.34 7.31 -0.31
CA LEU D 108 -6.39 8.13 -0.81
C LEU D 108 -7.40 7.23 -1.47
N ALA D 109 -8.64 7.31 -0.99
CA ALA D 109 -9.71 6.51 -1.57
C ALA D 109 -10.62 7.41 -2.39
N TYR D 110 -10.84 6.97 -3.62
CA TYR D 110 -11.54 7.80 -4.56
C TYR D 110 -12.21 6.91 -5.57
N GLN D 111 -13.09 7.50 -6.38
CA GLN D 111 -13.81 6.72 -7.38
C GLN D 111 -12.95 6.70 -8.66
N GLY D 112 -12.65 5.51 -9.17
CA GLY D 112 -11.99 5.36 -10.47
C GLY D 112 -13.02 5.11 -11.56
N SER D 113 -12.55 4.63 -12.72
CA SER D 113 -13.39 4.51 -13.92
C SER D 113 -14.53 3.51 -13.66
N SER D 114 -14.27 2.35 -13.05
CA SER D 114 -15.39 1.39 -12.70
C SER D 114 -15.58 1.28 -11.17
N SER D 115 -14.50 1.52 -10.42
CA SER D 115 -14.27 0.94 -9.10
C SER D 115 -13.85 2.01 -8.07
N GLY D 116 -14.11 1.74 -6.79
CA GLY D 116 -13.32 2.34 -5.75
C GLY D 116 -11.85 2.02 -5.98
N GLU D 117 -10.97 2.98 -5.74
CA GLU D 117 -9.53 2.74 -5.81
C GLU D 117 -8.81 3.35 -4.60
N ILE D 118 -7.59 2.87 -4.34
CA ILE D 118 -6.77 3.39 -3.25
C ILE D 118 -5.36 3.65 -3.76
N GLN D 119 -4.99 4.94 -3.74
CA GLN D 119 -3.69 5.41 -4.11
C GLN D 119 -2.88 5.51 -2.83
N GLN D 120 -1.56 5.37 -2.92
CA GLN D 120 -0.73 5.41 -1.77
C GLN D 120 0.50 6.22 -2.09
N GLY D 121 1.10 6.79 -1.05
CA GLY D 121 2.38 7.46 -1.12
C GLY D 121 2.87 7.83 0.25
N SER D 122 3.92 8.64 0.32
CA SER D 122 4.58 9.13 1.54
C SER D 122 4.70 10.68 1.51
N ASP D 123 4.27 11.40 2.56
CA ASP D 123 4.64 12.80 2.74
C ASP D 123 5.49 12.92 3.99
N THR D 124 6.57 13.73 3.94
CA THR D 124 7.32 14.13 5.08
C THR D 124 7.06 15.61 5.33
N PHE D 125 6.74 15.91 6.59
CA PHE D 125 6.32 17.24 7.01
C PHE D 125 7.44 17.85 7.85
N THR D 126 7.67 19.16 7.68
CA THR D 126 8.67 19.81 8.55
C THR D 126 7.98 20.99 9.28
N LEU D 127 8.33 21.15 10.54
CA LEU D 127 7.69 22.09 11.38
C LEU D 127 8.16 23.48 10.96
N VAL D 128 7.21 24.42 10.90
CA VAL D 128 7.46 25.81 10.59
C VAL D 128 7.23 26.66 11.84
N ASN D 129 8.21 27.52 12.15
CA ASN D 129 8.08 28.39 13.29
C ASN D 129 7.07 29.44 12.90
N LYS D 130 6.25 29.79 13.88
CA LYS D 130 5.37 30.91 13.71
C LYS D 130 6.22 32.16 13.44
N ALA D 131 5.89 32.83 12.32
CA ALA D 131 6.51 34.11 11.88
C ALA D 131 5.80 35.28 12.56
N MET D 132 6.49 35.96 13.49
CA MET D 132 6.03 37.15 14.15
C MET D 132 6.49 38.42 13.39
N LYS D 133 5.72 38.88 12.41
CA LYS D 133 6.20 39.95 11.48
C LYS D 133 6.04 41.35 12.11
N GLU D 134 5.05 41.48 13.00
CA GLU D 134 4.69 42.70 13.83
C GLU D 134 4.39 43.99 13.01
N THR D 135 4.13 43.86 11.69
CA THR D 135 3.35 44.82 10.85
C THR D 135 2.81 44.05 9.63
N PRO D 136 1.66 44.38 9.02
CA PRO D 136 1.20 43.66 7.83
C PRO D 136 1.76 44.25 6.54
N LYS D 137 2.85 45.04 6.66
CA LYS D 137 3.46 45.76 5.56
C LYS D 137 4.63 44.91 5.03
N MET D 138 4.60 44.62 3.70
CA MET D 138 5.43 43.59 2.92
C MET D 138 4.64 42.29 2.75
#